data_4X9C
#
_entry.id   4X9C
#
_cell.length_a   57.667
_cell.length_b   66.857
_cell.length_c   109.212
_cell.angle_alpha   90.00
_cell.angle_beta   90.00
_cell.angle_gamma   90.00
#
_symmetry.space_group_name_H-M   'P 21 21 21'
#
loop_
_entity.id
_entity.type
_entity.pdbx_description
1 polymer 'Uncharacterized protein MJ1435'
2 non-polymer DI(HYDROXYETHYL)ETHER
3 non-polymer 'TRIETHYLENE GLYCOL'
4 non-polymer 1,2-ETHANEDIOL
5 non-polymer 'SODIUM ION'
6 non-polymer 'CHLORIDE ION'
7 non-polymer 'TETRAETHYLENE GLYCOL'
8 non-polymer 'SULFATE ION'
9 water water
#
_entity_poly.entity_id   1
_entity_poly.type   'polypeptide(L)'
_entity_poly.pdbx_seq_one_letter_code
;MNKPVKKQQPKKVIPNFEYARRLNGKKVKIFLRNGEVLDAEVTGVSNYEIMVKVGDRNLLVFKHAIDYIEY
;
_entity_poly.pdbx_strand_id   A,B,C,D,E,F
#
# COMPACT_ATOMS: atom_id res chain seq x y z
N PRO A 15 10.38 10.37 14.98
CA PRO A 15 9.54 9.31 14.39
C PRO A 15 8.08 9.74 14.25
N ASN A 16 7.85 11.04 14.11
CA ASN A 16 6.48 11.54 14.06
C ASN A 16 6.28 12.76 13.15
N PHE A 17 7.36 13.51 12.91
CA PHE A 17 7.28 14.75 12.15
C PHE A 17 6.79 14.52 10.73
N GLU A 18 5.94 15.43 10.25
CA GLU A 18 5.55 15.39 8.86
C GLU A 18 5.44 16.78 8.27
N TYR A 19 5.91 16.90 7.03
CA TYR A 19 5.86 18.15 6.30
C TYR A 19 4.46 18.50 5.84
N ALA A 20 3.61 17.49 5.62
CA ALA A 20 2.30 17.77 5.03
C ALA A 20 1.44 18.67 5.91
N ARG A 21 1.64 18.61 7.23
CA ARG A 21 0.87 19.46 8.15
C ARG A 21 1.03 20.95 7.81
N ARG A 22 2.21 21.31 7.33
CA ARG A 22 2.51 22.70 6.98
C ARG A 22 1.78 23.17 5.73
N LEU A 23 1.13 22.26 5.02
CA LEU A 23 0.35 22.63 3.84
C LEU A 23 -1.02 23.19 4.20
N ASN A 24 -1.42 23.10 5.46
CA ASN A 24 -2.76 23.55 5.83
C ASN A 24 -2.95 25.02 5.48
N GLY A 25 -4.05 25.31 4.81
CA GLY A 25 -4.39 26.68 4.42
C GLY A 25 -3.81 27.12 3.08
N LYS A 26 -3.02 26.25 2.45
CA LYS A 26 -2.32 26.62 1.22
C LYS A 26 -2.97 26.13 -0.06
N LYS A 27 -2.72 26.88 -1.13
CA LYS A 27 -3.07 26.47 -2.48
CA LYS A 27 -3.06 26.46 -2.48
C LYS A 27 -2.02 25.47 -2.96
N VAL A 28 -2.49 24.33 -3.46
CA VAL A 28 -1.60 23.26 -3.91
C VAL A 28 -2.13 22.59 -5.15
N LYS A 29 -1.24 21.83 -5.79
CA LYS A 29 -1.67 20.93 -6.85
CA LYS A 29 -1.61 20.95 -6.88
C LYS A 29 -1.34 19.52 -6.43
N ILE A 30 -2.38 18.70 -6.33
CA ILE A 30 -2.25 17.32 -5.85
C ILE A 30 -2.29 16.36 -7.01
N PHE A 31 -1.21 15.58 -7.16
CA PHE A 31 -1.10 14.61 -8.23
C PHE A 31 -1.44 13.24 -7.69
N LEU A 32 -2.60 12.73 -8.08
CA LEU A 32 -3.13 11.47 -7.57
C LEU A 32 -2.63 10.26 -8.34
N ARG A 33 -2.68 9.11 -7.69
CA ARG A 33 -2.15 7.88 -8.26
C ARG A 33 -2.89 7.47 -9.54
N ASN A 34 -4.15 7.89 -9.68
CA ASN A 34 -4.94 7.59 -10.88
C ASN A 34 -4.70 8.55 -12.06
N GLY A 35 -3.78 9.50 -11.89
CA GLY A 35 -3.47 10.44 -12.96
C GLY A 35 -4.27 11.74 -12.91
N GLU A 36 -5.24 11.80 -12.01
CA GLU A 36 -5.96 13.04 -11.79
C GLU A 36 -5.08 14.07 -11.12
N VAL A 37 -5.32 15.34 -11.43
CA VAL A 37 -4.64 16.43 -10.74
C VAL A 37 -5.71 17.33 -10.12
N LEU A 38 -5.60 17.57 -8.82
CA LEU A 38 -6.52 18.45 -8.09
C LEU A 38 -5.90 19.82 -7.86
N ASP A 39 -6.54 20.86 -8.40
CA ASP A 39 -6.18 22.22 -8.07
CA ASP A 39 -6.19 22.23 -8.09
C ASP A 39 -6.95 22.60 -6.82
N ALA A 40 -6.25 22.59 -5.69
CA ALA A 40 -6.92 22.59 -4.39
C ALA A 40 -6.45 23.64 -3.42
N GLU A 41 -7.30 23.92 -2.43
CA GLU A 41 -6.88 24.61 -1.24
C GLU A 41 -7.00 23.65 -0.05
N VAL A 42 -5.92 23.51 0.71
CA VAL A 42 -5.93 22.58 1.84
C VAL A 42 -6.67 23.18 3.03
N THR A 43 -7.64 22.43 3.56
CA THR A 43 -8.45 22.90 4.68
C THR A 43 -8.18 22.13 5.97
N GLY A 44 -7.44 21.02 5.89
CA GLY A 44 -7.03 20.32 7.08
C GLY A 44 -6.12 19.17 6.73
N VAL A 45 -5.29 18.75 7.68
CA VAL A 45 -4.36 17.64 7.48
C VAL A 45 -4.34 16.77 8.73
N SER A 46 -4.50 15.46 8.55
CA SER A 46 -4.35 14.50 9.63
C SER A 46 -3.21 13.56 9.27
N ASN A 47 -2.96 12.54 10.10
CA ASN A 47 -1.87 11.62 9.81
C ASN A 47 -2.04 10.96 8.45
N TYR A 48 -3.27 10.62 8.09
CA TYR A 48 -3.50 9.84 6.88
C TYR A 48 -4.33 10.52 5.79
N GLU A 49 -4.82 11.73 6.06
CA GLU A 49 -5.76 12.40 5.16
C GLU A 49 -5.35 13.85 4.91
N ILE A 50 -5.74 14.37 3.75
CA ILE A 50 -5.67 15.79 3.49
C ILE A 50 -7.06 16.23 3.04
N MET A 51 -7.62 17.21 3.75
CA MET A 51 -8.93 17.78 3.39
C MET A 51 -8.70 18.95 2.45
N VAL A 52 -9.47 19.01 1.38
CA VAL A 52 -9.33 20.10 0.43
C VAL A 52 -10.65 20.66 -0.07
N LYS A 53 -10.58 21.89 -0.57
CA LYS A 53 -11.62 22.48 -1.38
C LYS A 53 -11.11 22.51 -2.82
N VAL A 54 -11.92 22.01 -3.75
CA VAL A 54 -11.60 22.08 -5.17
C VAL A 54 -12.78 22.76 -5.84
N GLY A 55 -12.63 24.04 -6.13
CA GLY A 55 -13.76 24.83 -6.58
C GLY A 55 -14.83 24.83 -5.51
N ASP A 56 -16.01 24.35 -5.87
CA ASP A 56 -17.15 24.30 -4.93
C ASP A 56 -17.23 22.99 -4.17
N ARG A 57 -16.35 22.05 -4.50
CA ARG A 57 -16.40 20.70 -3.94
C ARG A 57 -15.53 20.56 -2.71
N ASN A 58 -16.02 19.79 -1.73
CA ASN A 58 -15.20 19.45 -0.57
C ASN A 58 -14.82 17.99 -0.64
N LEU A 59 -13.52 17.73 -0.52
CA LEU A 59 -12.99 16.37 -0.63
C LEU A 59 -12.14 15.97 0.57
N LEU A 60 -12.27 14.71 0.96
CA LEU A 60 -11.31 14.07 1.84
C LEU A 60 -10.41 13.24 0.94
N VAL A 61 -9.12 13.56 0.91
CA VAL A 61 -8.17 12.82 0.09
C VAL A 61 -7.27 11.97 0.97
N PHE A 62 -7.22 10.67 0.69
CA PHE A 62 -6.30 9.82 1.45
C PHE A 62 -4.87 10.01 0.94
N LYS A 63 -3.95 10.21 1.88
CA LYS A 63 -2.54 10.39 1.49
C LYS A 63 -2.03 9.20 0.66
N HIS A 64 -2.48 7.98 0.94
CA HIS A 64 -2.01 6.83 0.18
C HIS A 64 -2.36 6.93 -1.31
N ALA A 65 -3.33 7.77 -1.65
CA ALA A 65 -3.75 7.95 -3.05
C ALA A 65 -3.00 9.08 -3.75
N ILE A 66 -2.13 9.76 -3.03
CA ILE A 66 -1.38 10.90 -3.57
C ILE A 66 0.01 10.43 -3.94
N ASP A 67 0.49 10.86 -5.12
CA ASP A 67 1.87 10.62 -5.49
C ASP A 67 2.76 11.78 -5.01
N TYR A 68 2.42 13.01 -5.40
CA TYR A 68 3.13 14.16 -4.91
C TYR A 68 2.27 15.40 -4.95
N ILE A 69 2.74 16.43 -4.26
CA ILE A 69 2.01 17.69 -4.13
C ILE A 69 2.95 18.84 -4.47
N GLU A 70 2.51 19.68 -5.40
CA GLU A 70 3.23 20.90 -5.75
C GLU A 70 2.67 22.04 -4.90
N TYR A 71 3.52 22.81 -4.26
CA TYR A 71 3.05 23.85 -3.36
C TYR A 71 3.91 25.09 -3.47
N ILE B 14 -2.29 14.35 18.57
CA ILE B 14 -3.55 13.73 18.98
C ILE B 14 -3.72 12.37 18.30
N PRO B 15 -3.42 11.29 19.04
CA PRO B 15 -3.50 9.92 18.52
C PRO B 15 -4.87 9.57 17.93
N ASN B 16 -4.82 9.02 16.73
CA ASN B 16 -6.00 8.51 16.05
C ASN B 16 -7.04 9.56 15.69
N PHE B 17 -6.67 10.85 15.62
CA PHE B 17 -7.60 11.78 15.02
C PHE B 17 -7.74 11.47 13.55
N GLU B 18 -8.98 11.44 13.08
CA GLU B 18 -9.20 11.32 11.64
CA GLU B 18 -9.27 11.21 11.66
C GLU B 18 -10.46 12.06 11.23
N TYR B 19 -10.41 12.62 10.02
CA TYR B 19 -11.53 13.33 9.47
C TYR B 19 -12.62 12.37 8.96
N ALA B 20 -12.23 11.17 8.55
CA ALA B 20 -13.19 10.27 7.91
C ALA B 20 -14.39 9.94 8.81
N ARG B 21 -14.17 9.79 10.10
CA ARG B 21 -15.28 9.40 10.96
CA ARG B 21 -15.28 9.40 10.95
C ARG B 21 -16.29 10.55 11.10
N ARG B 22 -15.86 11.77 10.75
CA ARG B 22 -16.77 12.92 10.76
C ARG B 22 -17.78 12.83 9.60
N LEU B 23 -17.56 11.91 8.68
CA LEU B 23 -18.52 11.64 7.62
C LEU B 23 -19.58 10.62 8.02
N ASN B 24 -19.47 10.08 9.24
CA ASN B 24 -20.46 9.15 9.76
C ASN B 24 -21.88 9.69 9.65
N GLY B 25 -22.79 8.90 9.11
CA GLY B 25 -24.17 9.32 8.98
C GLY B 25 -24.45 10.26 7.83
N LYS B 26 -23.43 10.57 7.03
CA LYS B 26 -23.61 11.47 5.90
C LYS B 26 -23.71 10.74 4.56
N LYS B 27 -24.35 11.40 3.60
CA LYS B 27 -24.34 10.99 2.20
C LYS B 27 -23.06 11.48 1.54
N VAL B 28 -22.34 10.58 0.89
CA VAL B 28 -21.06 10.93 0.29
C VAL B 28 -20.89 10.24 -1.05
N LYS B 29 -19.89 10.69 -1.81
CA LYS B 29 -19.46 9.98 -3.01
C LYS B 29 -18.06 9.45 -2.78
N ILE B 30 -17.91 8.13 -2.84
CA ILE B 30 -16.62 7.50 -2.61
C ILE B 30 -15.98 7.11 -3.93
N PHE B 31 -14.80 7.70 -4.19
CA PHE B 31 -14.07 7.45 -5.42
C PHE B 31 -13.01 6.39 -5.16
N LEU B 32 -13.25 5.19 -5.66
CA LEU B 32 -12.39 4.03 -5.40
C LEU B 32 -11.22 3.95 -6.36
N ARG B 33 -10.16 3.27 -5.93
CA ARG B 33 -8.95 3.13 -6.76
C ARG B 33 -9.21 2.34 -8.04
N ASN B 34 -10.33 1.62 -8.11
CA ASN B 34 -10.66 0.86 -9.31
C ASN B 34 -11.49 1.66 -10.32
N GLY B 35 -11.71 2.95 -10.04
CA GLY B 35 -12.47 3.80 -10.94
C GLY B 35 -13.95 3.92 -10.64
N GLU B 36 -14.46 3.02 -9.79
CA GLU B 36 -15.86 3.05 -9.41
C GLU B 36 -16.14 4.20 -8.45
N VAL B 37 -17.36 4.74 -8.54
CA VAL B 37 -17.82 5.77 -7.63
C VAL B 37 -19.04 5.25 -6.90
N LEU B 38 -18.97 5.21 -5.57
CA LEU B 38 -20.09 4.74 -4.76
C LEU B 38 -20.90 5.92 -4.25
N ASP B 39 -22.19 5.93 -4.59
CA ASP B 39 -23.12 6.88 -4.00
CA ASP B 39 -23.11 6.88 -3.99
C ASP B 39 -23.59 6.28 -2.68
N ALA B 40 -23.02 6.76 -1.58
CA ALA B 40 -23.11 6.02 -0.33
C ALA B 40 -23.64 6.81 0.86
N GLU B 41 -24.22 6.08 1.81
CA GLU B 41 -24.47 6.59 3.14
C GLU B 41 -23.52 5.90 4.13
N VAL B 42 -22.74 6.68 4.87
CA VAL B 42 -21.78 6.10 5.80
C VAL B 42 -22.47 5.68 7.09
N THR B 43 -22.27 4.43 7.49
CA THR B 43 -22.89 3.90 8.71
C THR B 43 -21.88 3.51 9.78
N GLY B 44 -20.60 3.47 9.44
CA GLY B 44 -19.58 3.23 10.44
C GLY B 44 -18.19 3.51 9.91
N VAL B 45 -17.29 3.90 10.79
CA VAL B 45 -15.91 4.15 10.39
C VAL B 45 -14.98 3.59 11.45
N SER B 46 -14.13 2.65 11.06
CA SER B 46 -13.07 2.15 11.94
C SER B 46 -11.71 2.71 11.48
N ASN B 47 -10.64 2.24 12.10
CA ASN B 47 -9.32 2.73 11.70
C ASN B 47 -9.05 2.45 10.23
N TYR B 48 -9.50 1.31 9.75
CA TYR B 48 -9.12 0.87 8.41
C TYR B 48 -10.29 0.63 7.45
N GLU B 49 -11.53 0.75 7.94
CA GLU B 49 -12.71 0.39 7.16
C GLU B 49 -13.75 1.50 7.22
N ILE B 50 -14.55 1.61 6.16
CA ILE B 50 -15.76 2.42 6.17
C ILE B 50 -16.94 1.56 5.76
N MET B 51 -17.96 1.52 6.61
CA MET B 51 -19.18 0.79 6.34
C MET B 51 -20.19 1.69 5.66
N VAL B 52 -20.77 1.23 4.54
CA VAL B 52 -21.70 2.06 3.79
C VAL B 52 -22.92 1.29 3.32
N LYS B 53 -24.00 2.04 3.11
CA LYS B 53 -25.13 1.54 2.34
C LYS B 53 -25.08 2.20 0.98
N VAL B 54 -25.20 1.39 -0.07
CA VAL B 54 -25.25 1.89 -1.43
C VAL B 54 -26.52 1.33 -2.05
N GLY B 55 -27.56 2.15 -2.10
CA GLY B 55 -28.87 1.68 -2.49
C GLY B 55 -29.31 0.62 -1.49
N ASP B 56 -29.60 -0.58 -1.98
CA ASP B 56 -30.04 -1.68 -1.14
C ASP B 56 -28.87 -2.53 -0.66
N ARG B 57 -27.66 -2.16 -1.05
CA ARG B 57 -26.48 -2.98 -0.77
C ARG B 57 -25.76 -2.53 0.49
N ASN B 58 -25.25 -3.49 1.25
CA ASN B 58 -24.38 -3.19 2.38
C ASN B 58 -22.95 -3.55 2.02
N LEU B 59 -22.05 -2.58 2.16
CA LEU B 59 -20.63 -2.79 1.85
C LEU B 59 -19.71 -2.44 2.99
N LEU B 60 -18.66 -3.24 3.13
CA LEU B 60 -17.50 -2.90 3.94
C LEU B 60 -16.42 -2.45 2.96
N VAL B 61 -16.03 -1.19 3.05
CA VAL B 61 -15.03 -0.63 2.13
C VAL B 61 -13.71 -0.43 2.87
N PHE B 62 -12.62 -0.96 2.34
CA PHE B 62 -11.34 -0.69 2.98
C PHE B 62 -10.82 0.68 2.60
N LYS B 63 -10.35 1.44 3.59
CA LYS B 63 -9.87 2.78 3.30
C LYS B 63 -8.72 2.76 2.28
N HIS B 64 -7.90 1.71 2.30
CA HIS B 64 -6.78 1.63 1.37
C HIS B 64 -7.23 1.58 -0.09
N ALA B 65 -8.50 1.22 -0.33
CA ALA B 65 -9.03 1.14 -1.69
C ALA B 65 -9.69 2.45 -2.13
N ILE B 66 -9.73 3.44 -1.24
CA ILE B 66 -10.36 4.72 -1.54
C ILE B 66 -9.32 5.75 -1.93
N ASP B 67 -9.60 6.49 -3.00
CA ASP B 67 -8.74 7.60 -3.41
C ASP B 67 -9.20 8.87 -2.68
N TYR B 68 -10.48 9.24 -2.84
CA TYR B 68 -11.00 10.39 -2.11
C TYR B 68 -12.50 10.27 -1.97
N ILE B 69 -13.04 11.09 -1.07
CA ILE B 69 -14.48 11.10 -0.78
C ILE B 69 -14.99 12.52 -0.93
N GLU B 70 -16.03 12.70 -1.74
CA GLU B 70 -16.69 14.01 -1.83
C GLU B 70 -17.86 14.04 -0.86
N TYR B 71 -18.00 15.13 -0.12
CA TYR B 71 -19.07 15.22 0.87
C TYR B 71 -19.67 16.61 0.87
N ILE C 14 -4.65 2.16 18.46
CA ILE C 14 -5.59 1.39 17.65
C ILE C 14 -6.32 0.36 18.50
N PRO C 15 -7.60 0.61 18.81
CA PRO C 15 -8.39 -0.33 19.62
C PRO C 15 -8.63 -1.65 18.90
N ASN C 16 -8.97 -2.68 19.68
CA ASN C 16 -9.18 -3.99 19.10
C ASN C 16 -10.60 -4.15 18.55
N PHE C 17 -10.88 -3.49 17.43
CA PHE C 17 -12.15 -3.60 16.72
C PHE C 17 -11.96 -3.64 15.20
N GLU C 18 -12.64 -4.57 14.55
CA GLU C 18 -12.71 -4.63 13.08
C GLU C 18 -14.12 -5.00 12.66
N TYR C 19 -14.70 -4.26 11.71
CA TYR C 19 -15.99 -4.66 11.16
C TYR C 19 -15.89 -5.98 10.42
N ALA C 20 -14.73 -6.28 9.86
CA ALA C 20 -14.58 -7.54 9.11
C ALA C 20 -14.89 -8.75 9.98
N ARG C 21 -14.65 -8.66 11.30
CA ARG C 21 -14.94 -9.79 12.19
C ARG C 21 -16.41 -10.13 12.24
N ARG C 22 -17.26 -9.17 11.93
CA ARG C 22 -18.71 -9.39 11.93
C ARG C 22 -19.12 -10.35 10.82
N LEU C 23 -18.23 -10.55 9.85
CA LEU C 23 -18.56 -11.35 8.68
C LEU C 23 -18.14 -12.79 8.83
N ASN C 24 -17.51 -13.14 9.95
CA ASN C 24 -17.09 -14.53 10.13
C ASN C 24 -18.28 -15.49 10.02
N GLY C 25 -18.11 -16.55 9.24
CA GLY C 25 -19.16 -17.54 9.06
C GLY C 25 -20.21 -17.16 8.04
N LYS C 26 -20.08 -15.99 7.43
CA LYS C 26 -21.09 -15.48 6.51
C LYS C 26 -20.73 -15.66 5.04
N LYS C 27 -21.75 -15.73 4.20
CA LYS C 27 -21.58 -15.67 2.75
C LYS C 27 -21.46 -14.22 2.32
N VAL C 28 -20.43 -13.92 1.53
CA VAL C 28 -20.14 -12.55 1.11
C VAL C 28 -19.64 -12.54 -0.33
N LYS C 29 -19.60 -11.35 -0.91
CA LYS C 29 -18.94 -11.14 -2.20
C LYS C 29 -17.72 -10.27 -1.95
N ILE C 30 -16.53 -10.80 -2.23
CA ILE C 30 -15.29 -10.06 -2.04
C ILE C 30 -14.81 -9.48 -3.36
N PHE C 31 -14.78 -8.16 -3.46
CA PHE C 31 -14.35 -7.48 -4.67
C PHE C 31 -12.86 -7.16 -4.54
N LEU C 32 -12.05 -7.88 -5.31
CA LEU C 32 -10.59 -7.78 -5.21
C LEU C 32 -10.03 -6.68 -6.10
N ARG C 33 -8.85 -6.19 -5.76
CA ARG C 33 -8.20 -5.14 -6.53
C ARG C 33 -7.82 -5.60 -7.94
N ASN C 34 -7.81 -6.91 -8.19
CA ASN C 34 -7.49 -7.44 -9.52
C ASN C 34 -8.72 -7.54 -10.41
N GLY C 35 -9.87 -7.17 -9.88
CA GLY C 35 -11.10 -7.15 -10.64
C GLY C 35 -11.96 -8.39 -10.45
N GLU C 36 -11.40 -9.42 -9.81
CA GLU C 36 -12.14 -10.64 -9.50
C GLU C 36 -13.17 -10.37 -8.41
N VAL C 37 -14.27 -11.12 -8.44
CA VAL C 37 -15.25 -11.09 -7.37
C VAL C 37 -15.37 -12.51 -6.82
N LEU C 38 -15.05 -12.68 -5.55
CA LEU C 38 -15.12 -14.01 -4.92
C LEU C 38 -16.47 -14.22 -4.26
N ASP C 39 -17.17 -15.27 -4.68
CA ASP C 39 -18.36 -15.71 -3.97
C ASP C 39 -17.91 -16.62 -2.84
N ALA C 40 -17.83 -16.06 -1.64
CA ALA C 40 -17.07 -16.71 -0.59
C ALA C 40 -17.88 -16.94 0.69
N GLU C 41 -17.46 -17.95 1.43
CA GLU C 41 -17.88 -18.12 2.80
C GLU C 41 -16.69 -17.80 3.67
N VAL C 42 -16.85 -16.87 4.60
CA VAL C 42 -15.75 -16.49 5.49
C VAL C 42 -15.57 -17.53 6.57
N THR C 43 -14.36 -18.04 6.73
CA THR C 43 -14.09 -19.06 7.73
C THR C 43 -13.12 -18.59 8.83
N GLY C 44 -12.55 -17.40 8.65
CA GLY C 44 -11.71 -16.82 9.69
C GLY C 44 -11.30 -15.39 9.32
N VAL C 45 -11.04 -14.57 10.34
CA VAL C 45 -10.61 -13.19 10.12
C VAL C 45 -9.48 -12.86 11.07
N SER C 46 -8.31 -12.53 10.55
CA SER C 46 -7.20 -12.08 11.36
C SER C 46 -7.00 -10.59 11.14
N ASN C 47 -5.98 -10.00 11.76
CA ASN C 47 -5.75 -8.57 11.55
C ASN C 47 -5.54 -8.22 10.08
N TYR C 48 -4.84 -9.08 9.35
CA TYR C 48 -4.45 -8.72 7.99
C TYR C 48 -4.96 -9.65 6.92
N GLU C 49 -5.68 -10.70 7.30
CA GLU C 49 -6.14 -11.71 6.36
C GLU C 49 -7.60 -12.07 6.55
N ILE C 50 -8.23 -12.55 5.49
CA ILE C 50 -9.53 -13.18 5.61
C ILE C 50 -9.44 -14.56 4.97
N MET C 51 -9.78 -15.57 5.76
CA MET C 51 -9.78 -16.96 5.31
C MET C 51 -11.17 -17.26 4.71
N VAL C 52 -11.21 -17.83 3.52
CA VAL C 52 -12.49 -18.10 2.87
C VAL C 52 -12.52 -19.46 2.20
N LYS C 53 -13.74 -19.94 1.99
CA LYS C 53 -14.02 -21.06 1.12
C LYS C 53 -14.71 -20.51 -0.13
N VAL C 54 -14.18 -20.84 -1.29
CA VAL C 54 -14.79 -20.49 -2.55
C VAL C 54 -14.96 -21.82 -3.28
N GLY C 55 -16.20 -22.30 -3.35
CA GLY C 55 -16.42 -23.65 -3.84
C GLY C 55 -15.66 -24.66 -3.00
N ASP C 56 -14.85 -25.47 -3.65
CA ASP C 56 -14.05 -26.49 -2.98
CA ASP C 56 -14.07 -26.49 -2.94
C ASP C 56 -12.65 -25.98 -2.64
N ARG C 57 -12.43 -24.69 -2.82
CA ARG C 57 -11.11 -24.11 -2.61
C ARG C 57 -11.02 -23.36 -1.29
N ASN C 58 -9.90 -23.55 -0.59
CA ASN C 58 -9.61 -22.74 0.59
C ASN C 58 -8.59 -21.68 0.22
N LEU C 59 -8.92 -20.42 0.51
CA LEU C 59 -8.05 -19.31 0.17
C LEU C 59 -7.71 -18.49 1.40
N LEU C 60 -6.47 -18.03 1.44
CA LEU C 60 -6.08 -16.98 2.38
CA LEU C 60 -6.09 -16.98 2.37
C LEU C 60 -6.04 -15.68 1.58
N VAL C 61 -6.94 -14.75 1.90
CA VAL C 61 -7.02 -13.49 1.15
C VAL C 61 -6.43 -12.37 1.99
N PHE C 62 -5.45 -11.67 1.46
CA PHE C 62 -4.92 -10.50 2.18
C PHE C 62 -5.87 -9.33 2.09
N LYS C 63 -6.14 -8.72 3.24
CA LYS C 63 -7.05 -7.58 3.24
C LYS C 63 -6.57 -6.44 2.33
N HIS C 64 -5.25 -6.24 2.21
CA HIS C 64 -4.74 -5.18 1.35
C HIS C 64 -5.13 -5.39 -0.12
N ALA C 65 -5.50 -6.61 -0.50
CA ALA C 65 -5.91 -6.90 -1.87
C ALA C 65 -7.41 -6.76 -2.09
N ILE C 66 -8.15 -6.44 -1.02
CA ILE C 66 -9.60 -6.32 -1.12
C ILE C 66 -9.98 -4.85 -1.26
N ASP C 67 -10.88 -4.56 -2.19
CA ASP C 67 -11.41 -3.20 -2.32
C ASP C 67 -12.62 -3.04 -1.41
N TYR C 68 -13.61 -3.92 -1.54
CA TYR C 68 -14.74 -3.91 -0.64
C TYR C 68 -15.41 -5.27 -0.62
N ILE C 69 -16.29 -5.43 0.35
CA ILE C 69 -17.00 -6.68 0.58
C ILE C 69 -18.48 -6.38 0.66
N GLU C 70 -19.28 -7.08 -0.14
CA GLU C 70 -20.73 -6.98 -0.03
C GLU C 70 -21.24 -8.12 0.82
N TYR C 71 -22.10 -7.80 1.77
CA TYR C 71 -22.57 -8.81 2.71
C TYR C 71 -24.07 -8.69 2.95
N LYS D 12 -0.14 -13.94 24.46
CA LYS D 12 0.77 -14.62 23.55
C LYS D 12 0.06 -15.71 22.76
N VAL D 13 -1.07 -16.18 23.28
CA VAL D 13 -1.91 -17.12 22.53
C VAL D 13 -3.10 -16.37 21.94
N ILE D 14 -2.90 -15.87 20.72
CA ILE D 14 -3.89 -15.08 20.01
C ILE D 14 -4.24 -15.77 18.69
N PRO D 15 -5.32 -16.57 18.69
CA PRO D 15 -5.67 -17.41 17.54
C PRO D 15 -5.91 -16.64 16.24
N ASN D 16 -6.49 -15.45 16.32
CA ASN D 16 -6.83 -14.70 15.12
C ASN D 16 -5.86 -13.56 14.82
N PHE D 17 -4.56 -13.84 14.96
CA PHE D 17 -3.53 -12.83 14.68
C PHE D 17 -2.92 -12.99 13.28
N GLU D 18 -2.32 -14.16 12.99
CA GLU D 18 -1.75 -14.38 11.65
C GLU D 18 -1.88 -15.83 11.17
N TYR D 19 -2.63 -16.02 10.07
CA TYR D 19 -2.81 -17.34 9.50
C TYR D 19 -1.67 -17.76 8.59
N ALA D 20 -0.97 -16.80 8.02
CA ALA D 20 0.04 -17.14 7.02
C ALA D 20 1.14 -18.01 7.60
N ARG D 21 1.46 -17.87 8.88
CA ARG D 21 2.54 -18.66 9.47
C ARG D 21 2.26 -20.16 9.40
N ARG D 22 0.99 -20.53 9.40
CA ARG D 22 0.57 -21.93 9.31
C ARG D 22 0.80 -22.53 7.93
N LEU D 23 1.20 -21.70 6.97
CA LEU D 23 1.48 -22.20 5.62
C LEU D 23 2.89 -22.75 5.51
N ASN D 24 3.70 -22.55 6.56
CA ASN D 24 5.09 -22.95 6.46
C ASN D 24 5.18 -24.46 6.20
N GLY D 25 5.96 -24.82 5.19
CA GLY D 25 6.15 -26.23 4.84
C GLY D 25 5.13 -26.78 3.87
N LYS D 26 4.17 -25.96 3.45
CA LYS D 26 3.08 -26.42 2.60
C LYS D 26 3.21 -26.06 1.13
N LYS D 27 2.62 -26.88 0.28
CA LYS D 27 2.42 -26.57 -1.13
C LYS D 27 1.27 -25.60 -1.27
N VAL D 28 1.48 -24.52 -2.03
CA VAL D 28 0.47 -23.50 -2.20
C VAL D 28 0.52 -22.94 -3.61
N LYS D 29 -0.55 -22.25 -3.98
CA LYS D 29 -0.58 -21.46 -5.20
CA LYS D 29 -0.56 -21.45 -5.20
C LYS D 29 -0.72 -20.00 -4.79
N ILE D 30 0.26 -19.18 -5.13
CA ILE D 30 0.27 -17.76 -4.73
C ILE D 30 -0.12 -16.90 -5.90
N PHE D 31 -1.18 -16.11 -5.73
CA PHE D 31 -1.68 -15.22 -6.77
C PHE D 31 -1.20 -13.82 -6.47
N LEU D 32 -0.28 -13.33 -7.28
CA LEU D 32 0.36 -12.03 -7.06
C LEU D 32 -0.43 -10.89 -7.69
N ARG D 33 -0.15 -9.67 -7.24
CA ARG D 33 -0.95 -8.51 -7.62
C ARG D 33 -0.87 -8.13 -9.10
N ASN D 34 0.16 -8.58 -9.79
CA ASN D 34 0.23 -8.29 -11.22
C ASN D 34 -0.37 -9.38 -12.11
N GLY D 35 -0.84 -10.45 -11.51
CA GLY D 35 -1.46 -11.53 -12.28
C GLY D 35 -0.58 -12.75 -12.39
N GLU D 36 0.66 -12.66 -11.91
CA GLU D 36 1.52 -13.81 -11.87
C GLU D 36 1.02 -14.83 -10.84
N VAL D 37 1.24 -16.10 -11.12
CA VAL D 37 0.85 -17.18 -10.23
C VAL D 37 2.08 -18.06 -9.95
N LEU D 38 2.36 -18.29 -8.67
CA LEU D 38 3.49 -19.11 -8.25
C LEU D 38 3.02 -20.45 -7.70
N ASP D 39 3.45 -21.54 -8.34
CA ASP D 39 3.25 -22.88 -7.79
C ASP D 39 4.42 -23.16 -6.87
N ALA D 40 4.16 -23.05 -5.57
CA ALA D 40 5.23 -22.89 -4.61
C ALA D 40 5.17 -23.87 -3.47
N GLU D 41 6.32 -24.06 -2.83
CA GLU D 41 6.39 -24.66 -1.51
C GLU D 41 6.92 -23.62 -0.52
N VAL D 42 6.21 -23.40 0.58
CA VAL D 42 6.61 -22.39 1.54
C VAL D 42 7.72 -22.92 2.43
N THR D 43 8.81 -22.17 2.52
CA THR D 43 9.97 -22.56 3.30
C THR D 43 10.21 -21.66 4.51
N GLY D 44 9.46 -20.56 4.61
CA GLY D 44 9.58 -19.68 5.76
C GLY D 44 8.54 -18.57 5.70
N VAL D 45 8.13 -18.07 6.86
CA VAL D 45 7.17 -16.96 6.93
C VAL D 45 7.60 -15.98 8.01
N SER D 46 7.69 -14.72 7.65
CA SER D 46 7.94 -13.66 8.64
C SER D 46 6.73 -12.74 8.65
N ASN D 47 6.79 -11.66 9.44
CA ASN D 47 5.68 -10.72 9.48
C ASN D 47 5.29 -10.21 8.10
N TYR D 48 6.30 -9.92 7.27
CA TYR D 48 6.03 -9.26 6.01
C TYR D 48 6.45 -10.03 4.77
N GLU D 49 7.04 -11.21 4.96
CA GLU D 49 7.61 -11.99 3.83
C GLU D 49 7.14 -13.42 3.87
N ILE D 50 7.08 -14.04 2.69
CA ILE D 50 6.93 -15.49 2.58
C ILE D 50 8.05 -16.00 1.71
N MET D 51 8.84 -16.93 2.23
CA MET D 51 9.93 -17.56 1.49
C MET D 51 9.42 -18.80 0.79
N VAL D 52 9.75 -18.98 -0.48
CA VAL D 52 9.23 -20.11 -1.21
C VAL D 52 10.27 -20.73 -2.13
N LYS D 53 10.02 -21.99 -2.48
CA LYS D 53 10.68 -22.63 -3.60
C LYS D 53 9.67 -22.72 -4.74
N VAL D 54 10.08 -22.31 -5.93
CA VAL D 54 9.29 -22.45 -7.14
C VAL D 54 10.20 -23.11 -8.15
N GLY D 55 9.89 -24.35 -8.50
CA GLY D 55 10.80 -25.15 -9.31
C GLY D 55 12.16 -25.19 -8.65
N ASP D 56 13.19 -24.79 -9.40
CA ASP D 56 14.56 -24.80 -8.89
C ASP D 56 14.92 -23.48 -8.21
N ARG D 57 14.01 -22.52 -8.24
CA ARG D 57 14.28 -21.15 -7.78
C ARG D 57 13.89 -20.92 -6.34
N ASN D 58 14.68 -20.11 -5.64
CA ASN D 58 14.32 -19.66 -4.30
C ASN D 58 13.91 -18.20 -4.35
N LEU D 59 12.75 -17.90 -3.80
CA LEU D 59 12.22 -16.54 -3.84
C LEU D 59 11.88 -16.04 -2.46
N LEU D 60 12.09 -14.75 -2.24
CA LEU D 60 11.51 -14.04 -1.11
C LEU D 60 10.33 -13.25 -1.69
N VAL D 61 9.12 -13.54 -1.23
CA VAL D 61 7.92 -12.87 -1.73
C VAL D 61 7.40 -11.93 -0.65
N PHE D 62 7.18 -10.66 -1.00
CA PHE D 62 6.58 -9.76 -0.03
C PHE D 62 5.09 -9.96 0.05
N LYS D 63 4.57 -10.06 1.27
CA LYS D 63 3.13 -10.27 1.41
C LYS D 63 2.31 -9.15 0.76
N HIS D 64 2.83 -7.90 0.74
CA HIS D 64 2.07 -6.80 0.13
C HIS D 64 1.84 -7.02 -1.37
N ALA D 65 2.64 -7.89 -1.99
CA ALA D 65 2.50 -8.18 -3.41
C ALA D 65 1.56 -9.35 -3.70
N ILE D 66 1.06 -9.99 -2.65
CA ILE D 66 0.18 -11.14 -2.78
C ILE D 66 -1.27 -10.71 -2.67
N ASP D 67 -2.12 -11.21 -3.56
CA ASP D 67 -3.55 -11.00 -3.46
C ASP D 67 -4.18 -12.10 -2.60
N TYR D 68 -3.98 -13.37 -2.97
CA TYR D 68 -4.47 -14.47 -2.15
C TYR D 68 -3.65 -15.71 -2.41
N ILE D 69 -3.80 -16.66 -1.51
CA ILE D 69 -3.06 -17.93 -1.57
C ILE D 69 -4.05 -19.09 -1.50
N GLU D 70 -3.98 -20.00 -2.46
CA GLU D 70 -4.77 -21.23 -2.40
C GLU D 70 -3.93 -22.33 -1.76
N TYR D 71 -4.50 -23.04 -0.79
CA TYR D 71 -3.71 -24.02 -0.04
C TYR D 71 -4.56 -25.24 0.28
N ASN E 16 9.75 -8.22 14.00
CA ASN E 16 11.14 -7.82 14.09
C ASN E 16 12.03 -8.58 13.09
N PHE E 17 11.93 -9.90 13.08
CA PHE E 17 12.76 -10.70 12.20
C PHE E 17 12.39 -10.48 10.75
N GLU E 18 13.39 -10.38 9.89
CA GLU E 18 13.13 -10.39 8.46
C GLU E 18 14.17 -11.17 7.70
N TYR E 19 13.70 -11.85 6.66
CA TYR E 19 14.59 -12.61 5.81
C TYR E 19 15.42 -11.73 4.88
N ALA E 20 14.89 -10.56 4.52
CA ALA E 20 15.57 -9.72 3.55
C ALA E 20 16.97 -9.31 4.02
N ARG E 21 17.15 -9.14 5.33
CA ARG E 21 18.44 -8.75 5.86
CA ARG E 21 18.44 -8.77 5.92
C ARG E 21 19.53 -9.76 5.52
N ARG E 22 19.14 -11.03 5.39
CA ARG E 22 20.07 -12.09 5.06
C ARG E 22 20.55 -12.03 3.61
N LEU E 23 19.93 -11.17 2.81
CA LEU E 23 20.37 -11.02 1.42
C LEU E 23 21.50 -10.01 1.27
N ASN E 24 21.90 -9.35 2.36
CA ASN E 24 22.96 -8.38 2.27
C ASN E 24 24.24 -9.04 1.75
N GLY E 25 24.83 -8.46 0.72
CA GLY E 25 26.05 -9.01 0.14
C GLY E 25 25.80 -10.01 -0.98
N LYS E 26 24.53 -10.37 -1.21
CA LYS E 26 24.19 -11.27 -2.29
C LYS E 26 23.89 -10.50 -3.56
N LYS E 27 24.04 -11.16 -4.70
CA LYS E 27 23.55 -10.63 -5.97
CA LYS E 27 23.54 -10.62 -5.96
C LYS E 27 22.25 -11.36 -6.31
N VAL E 28 21.19 -10.58 -6.48
CA VAL E 28 19.85 -11.10 -6.59
C VAL E 28 19.14 -10.50 -7.79
N LYS E 29 17.97 -11.05 -8.10
CA LYS E 29 17.09 -10.42 -9.08
C LYS E 29 15.87 -9.86 -8.36
N ILE E 30 15.71 -8.54 -8.41
CA ILE E 30 14.60 -7.88 -7.73
C ILE E 30 13.50 -7.62 -8.76
N PHE E 31 12.35 -8.24 -8.55
CA PHE E 31 11.20 -8.06 -9.45
C PHE E 31 10.26 -7.02 -8.85
N LEU E 32 10.23 -5.86 -9.48
CA LEU E 32 9.47 -4.71 -8.99
C LEU E 32 8.01 -4.75 -9.44
N ARG E 33 7.17 -4.03 -8.72
CA ARG E 33 5.72 -4.00 -9.01
C ARG E 33 5.37 -3.44 -10.40
N ASN E 34 6.30 -2.70 -11.01
CA ASN E 34 6.08 -2.16 -12.36
C ASN E 34 6.52 -3.11 -13.46
N GLY E 35 6.94 -4.31 -13.10
CA GLY E 35 7.37 -5.28 -14.08
C GLY E 35 8.85 -5.25 -14.43
N GLU E 36 9.61 -4.38 -13.76
CA GLU E 36 11.03 -4.22 -13.99
C GLU E 36 11.80 -5.27 -13.22
N VAL E 37 12.93 -5.75 -13.74
CA VAL E 37 13.81 -6.58 -12.94
C VAL E 37 15.16 -5.88 -12.80
N LEU E 38 15.66 -5.87 -11.57
CA LEU E 38 16.98 -5.33 -11.27
C LEU E 38 17.94 -6.45 -10.96
N ASP E 39 19.04 -6.53 -11.71
CA ASP E 39 20.14 -7.42 -11.42
CA ASP E 39 20.14 -7.42 -11.40
C ASP E 39 21.01 -6.70 -10.40
N ALA E 40 20.83 -7.02 -9.13
CA ALA E 40 21.27 -6.14 -8.06
C ALA E 40 22.18 -6.78 -7.04
N GLU E 41 23.31 -6.14 -6.74
CA GLU E 41 24.08 -6.53 -5.58
C GLU E 41 23.57 -5.75 -4.38
N VAL E 42 23.15 -6.46 -3.34
CA VAL E 42 22.61 -5.82 -2.15
C VAL E 42 23.74 -5.32 -1.27
N THR E 43 23.71 -4.02 -0.97
CA THR E 43 24.74 -3.41 -0.15
C THR E 43 24.24 -2.96 1.21
N GLY E 44 22.93 -2.98 1.42
CA GLY E 44 22.38 -2.64 2.72
C GLY E 44 20.89 -2.90 2.78
N VAL E 45 20.38 -3.19 3.97
CA VAL E 45 18.96 -3.46 4.15
C VAL E 45 18.47 -2.77 5.42
N SER E 46 17.40 -2.00 5.32
CA SER E 46 16.76 -1.40 6.48
C SER E 46 15.34 -1.95 6.60
N ASN E 47 14.56 -1.43 7.54
CA ASN E 47 13.21 -1.96 7.68
C ASN E 47 12.41 -1.82 6.39
N TYR E 48 12.60 -0.70 5.70
CA TYR E 48 11.75 -0.40 4.57
C TYR E 48 12.46 -0.23 3.23
N GLU E 49 13.78 -0.37 3.23
CA GLU E 49 14.59 -0.08 2.03
C GLU E 49 15.59 -1.18 1.78
N ILE E 50 15.97 -1.34 0.52
CA ILE E 50 17.09 -2.18 0.14
C ILE E 50 18.01 -1.34 -0.76
N MET E 51 19.28 -1.21 -0.35
CA MET E 51 20.29 -0.48 -1.11
C MET E 51 20.97 -1.45 -2.03
N VAL E 52 21.12 -1.06 -3.30
CA VAL E 52 21.71 -1.96 -4.28
C VAL E 52 22.63 -1.25 -5.25
N LYS E 53 23.56 -2.02 -5.80
CA LYS E 53 24.35 -1.63 -6.95
CA LYS E 53 24.32 -1.59 -6.96
C LYS E 53 23.84 -2.40 -8.15
N VAL E 54 23.50 -1.70 -9.23
CA VAL E 54 23.05 -2.31 -10.46
C VAL E 54 23.97 -1.80 -11.56
N GLY E 55 24.89 -2.64 -11.99
CA GLY E 55 25.96 -2.18 -12.85
C GLY E 55 26.73 -1.13 -12.10
N ASP E 56 26.84 0.07 -12.69
CA ASP E 56 27.54 1.16 -12.04
CA ASP E 56 27.54 1.15 -12.03
C ASP E 56 26.60 2.13 -11.36
N ARG E 57 25.31 1.80 -11.32
CA ARG E 57 24.30 2.66 -10.70
C ARG E 57 24.08 2.29 -9.24
N ASN E 58 23.89 3.29 -8.39
CA ASN E 58 23.53 3.10 -7.00
C ASN E 58 22.06 3.45 -6.82
N LEU E 59 21.28 2.50 -6.29
CA LEU E 59 19.85 2.73 -6.08
C LEU E 59 19.45 2.49 -4.64
N LEU E 60 18.47 3.27 -4.18
CA LEU E 60 17.70 2.97 -2.98
C LEU E 60 16.37 2.44 -3.47
N VAL E 61 16.06 1.19 -3.13
CA VAL E 61 14.83 0.57 -3.56
C VAL E 61 13.88 0.45 -2.37
N PHE E 62 12.65 0.93 -2.52
CA PHE E 62 11.70 0.76 -1.43
C PHE E 62 11.10 -0.64 -1.46
N LYS E 63 11.09 -1.29 -0.31
CA LYS E 63 10.52 -2.65 -0.25
C LYS E 63 9.06 -2.70 -0.73
N HIS E 64 8.28 -1.62 -0.49
CA HIS E 64 6.89 -1.62 -0.94
C HIS E 64 6.74 -1.73 -2.45
N ALA E 65 7.80 -1.41 -3.17
CA ALA E 65 7.79 -1.47 -4.63
C ALA E 65 8.25 -2.82 -5.17
N ILE E 66 8.67 -3.72 -4.28
CA ILE E 66 9.18 -5.02 -4.68
C ILE E 66 8.07 -6.04 -4.59
N ASP E 67 7.94 -6.86 -5.62
CA ASP E 67 7.01 -8.01 -5.55
C ASP E 67 7.71 -9.22 -4.96
N TYR E 68 8.83 -9.63 -5.56
CA TYR E 68 9.61 -10.73 -5.01
C TYR E 68 11.06 -10.61 -5.45
N ILE E 69 11.91 -11.35 -4.77
CA ILE E 69 13.34 -11.37 -5.03
C ILE E 69 13.80 -12.80 -5.27
N GLU E 70 14.49 -13.05 -6.37
CA GLU E 70 15.09 -14.36 -6.64
C GLU E 70 16.54 -14.31 -6.19
N TYR E 71 16.96 -15.28 -5.39
CA TYR E 71 18.33 -15.27 -4.87
C TYR E 71 18.95 -16.65 -4.95
N ASN F 16 14.79 1.83 13.44
CA ASN F 16 14.39 3.20 13.15
C ASN F 16 15.21 3.81 12.01
N PHE F 17 16.33 3.16 11.69
CA PHE F 17 17.27 3.69 10.72
C PHE F 17 16.65 3.74 9.33
N GLU F 18 16.96 4.80 8.59
CA GLU F 18 16.62 4.81 7.19
C GLU F 18 17.75 5.43 6.36
N TYR F 19 18.01 4.79 5.23
CA TYR F 19 19.00 5.30 4.30
C TYR F 19 18.54 6.56 3.58
N ALA F 20 17.23 6.75 3.41
CA ALA F 20 16.74 7.90 2.66
C ALA F 20 17.19 9.23 3.25
N ARG F 21 17.32 9.29 4.57
CA ARG F 21 17.73 10.54 5.20
C ARG F 21 19.09 11.00 4.72
N ARG F 22 19.96 10.06 4.34
CA ARG F 22 21.29 10.40 3.87
C ARG F 22 21.28 11.02 2.46
N LEU F 23 20.13 11.03 1.81
CA LEU F 23 20.02 11.64 0.50
C LEU F 23 19.74 13.15 0.59
N ASN F 24 19.51 13.66 1.79
CA ASN F 24 19.26 15.08 1.94
C ASN F 24 20.44 15.88 1.39
N GLY F 25 20.14 16.84 0.53
CA GLY F 25 21.15 17.66 -0.11
C GLY F 25 21.67 17.12 -1.43
N LYS F 26 21.35 15.86 -1.75
CA LYS F 26 21.74 15.29 -3.04
C LYS F 26 20.74 15.62 -4.14
N LYS F 27 21.21 15.58 -5.38
CA LYS F 27 20.29 15.65 -6.50
C LYS F 27 20.19 14.25 -7.09
N VAL F 28 18.96 13.75 -7.16
CA VAL F 28 18.73 12.33 -7.42
C VAL F 28 17.70 12.18 -8.55
N LYS F 29 17.51 10.95 -9.01
CA LYS F 29 16.40 10.63 -9.90
C LYS F 29 15.40 9.80 -9.15
N ILE F 30 14.18 10.32 -9.03
CA ILE F 30 13.12 9.61 -8.32
C ILE F 30 12.26 8.90 -9.34
N PHE F 31 12.25 7.56 -9.30
CA PHE F 31 11.44 6.78 -10.24
C PHE F 31 10.10 6.49 -9.57
N LEU F 32 9.09 7.24 -9.98
CA LEU F 32 7.76 7.13 -9.40
C LEU F 32 7.00 5.92 -9.88
N ARG F 33 6.01 5.51 -9.10
CA ARG F 33 5.26 4.29 -9.40
C ARG F 33 4.43 4.35 -10.68
N ASN F 34 4.21 5.52 -11.26
CA ASN F 34 3.45 5.59 -12.51
C ASN F 34 4.33 5.62 -13.76
N GLY F 35 5.63 5.74 -13.57
CA GLY F 35 6.53 5.81 -14.70
C GLY F 35 7.19 7.16 -14.89
N GLU F 36 6.74 8.18 -14.20
CA GLU F 36 7.43 9.47 -14.26
CA GLU F 36 7.42 9.47 -14.28
C GLU F 36 8.75 9.40 -13.52
N VAL F 37 9.70 10.21 -13.96
CA VAL F 37 11.00 10.32 -13.29
C VAL F 37 11.24 11.77 -12.94
N LEU F 38 11.51 12.05 -11.67
CA LEU F 38 11.84 13.41 -11.23
C LEU F 38 13.35 13.58 -11.08
N ASP F 39 13.91 14.61 -11.73
CA ASP F 39 15.29 15.05 -11.45
C ASP F 39 15.20 16.03 -10.29
N ALA F 40 15.56 15.58 -9.09
CA ALA F 40 15.10 16.23 -7.87
C ALA F 40 16.21 16.52 -6.89
N GLU F 41 16.31 17.77 -6.46
CA GLU F 41 17.21 18.10 -5.36
C GLU F 41 16.47 17.85 -4.06
N VAL F 42 17.00 16.98 -3.20
CA VAL F 42 16.33 16.64 -1.95
C VAL F 42 16.59 17.73 -0.92
N THR F 43 15.51 18.29 -0.37
CA THR F 43 15.64 19.38 0.59
C THR F 43 15.16 18.99 1.99
N GLY F 44 14.56 17.82 2.13
CA GLY F 44 14.12 17.34 3.42
C GLY F 44 13.60 15.93 3.33
N VAL F 45 13.72 15.17 4.41
CA VAL F 45 13.26 13.78 4.44
C VAL F 45 12.58 13.52 5.78
N SER F 46 11.34 13.02 5.75
CA SER F 46 10.66 12.60 6.96
C SER F 46 10.41 11.11 6.89
N ASN F 47 9.69 10.56 7.86
CA ASN F 47 9.47 9.11 7.82
C ASN F 47 8.76 8.69 6.54
N TYR F 48 7.82 9.49 6.08
CA TYR F 48 6.98 9.09 4.95
C TYR F 48 7.04 9.98 3.72
N GLU F 49 7.83 11.06 3.79
CA GLU F 49 7.86 12.08 2.73
C GLU F 49 9.29 12.41 2.34
N ILE F 50 9.45 12.82 1.09
CA ILE F 50 10.70 13.41 0.63
C ILE F 50 10.36 14.74 -0.03
N MET F 51 10.95 15.81 0.50
CA MET F 51 10.77 17.15 -0.05
C MET F 51 11.82 17.42 -1.10
N VAL F 52 11.38 17.91 -2.25
CA VAL F 52 12.33 18.13 -3.33
C VAL F 52 12.09 19.45 -4.06
N LYS F 53 13.15 19.90 -4.70
CA LYS F 53 13.08 20.96 -5.69
C LYS F 53 13.31 20.36 -7.06
N VAL F 54 12.37 20.58 -7.98
CA VAL F 54 12.52 20.12 -9.36
C VAL F 54 12.46 21.37 -10.21
N GLY F 55 13.63 21.87 -10.62
CA GLY F 55 13.69 23.16 -11.27
C GLY F 55 13.19 24.22 -10.32
N ASP F 56 12.17 24.99 -10.74
CA ASP F 56 11.63 26.03 -9.90
CA ASP F 56 11.60 26.04 -9.93
C ASP F 56 10.37 25.58 -9.15
N ARG F 57 10.14 24.27 -9.15
CA ARG F 57 8.98 23.71 -8.44
C ARG F 57 9.38 23.06 -7.14
N ASN F 58 8.60 23.30 -6.10
CA ASN F 58 8.79 22.59 -4.84
C ASN F 58 7.71 21.53 -4.71
N LEU F 59 8.13 20.29 -4.44
CA LEU F 59 7.21 19.16 -4.31
C LEU F 59 7.38 18.45 -2.99
N LEU F 60 6.25 17.99 -2.47
CA LEU F 60 6.22 16.99 -1.41
C LEU F 60 5.94 15.66 -2.09
N VAL F 61 6.89 14.73 -2.01
CA VAL F 61 6.73 13.42 -2.64
C VAL F 61 6.52 12.38 -1.55
N PHE F 62 5.45 11.59 -1.68
CA PHE F 62 5.24 10.53 -0.70
C PHE F 62 6.11 9.33 -1.04
N LYS F 63 6.80 8.79 -0.04
CA LYS F 63 7.67 7.64 -0.29
C LYS F 63 6.89 6.46 -0.87
N HIS F 64 5.62 6.30 -0.48
CA HIS F 64 4.81 5.18 -1.00
C HIS F 64 4.63 5.23 -2.50
N ALA F 65 4.82 6.42 -3.09
CA ALA F 65 4.68 6.62 -4.53
C ALA F 65 5.99 6.43 -5.29
N ILE F 66 7.07 6.14 -4.56
CA ILE F 66 8.38 5.96 -5.18
C ILE F 66 8.68 4.48 -5.30
N ASP F 67 9.20 4.08 -6.45
CA ASP F 67 9.69 2.71 -6.61
C ASP F 67 11.17 2.63 -6.19
N TYR F 68 12.01 3.46 -6.79
CA TYR F 68 13.40 3.53 -6.36
C TYR F 68 13.98 4.90 -6.70
N ILE F 69 15.15 5.15 -6.12
CA ILE F 69 15.85 6.42 -6.27
C ILE F 69 17.27 6.13 -6.73
N GLU F 70 17.69 6.75 -7.83
CA GLU F 70 19.08 6.67 -8.25
C GLU F 70 19.83 7.89 -7.74
N TYR F 71 21.00 7.67 -7.14
CA TYR F 71 21.76 8.78 -6.59
C TYR F 71 23.24 8.65 -6.92
#